data_4AJT
#
_entry.id   4AJT
#
_cell.length_a   83.530
_cell.length_b   83.530
_cell.length_c   181.260
_cell.angle_alpha   90.00
_cell.angle_beta   90.00
_cell.angle_gamma   120.00
#
_symmetry.space_group_name_H-M   'P 32 1 2'
#
loop_
_entity.id
_entity.type
_entity.pdbx_description
1 polymer 'PROTEIN Z-DEPENDENT PROTEASE INHIBITOR'
2 water water
#
_entity_poly.entity_id   1
_entity_poly.type   'polypeptide(L)'
_entity_poly.pdbx_seq_one_letter_code
;FNLSSHSPEASVHLESQDYENQTWEEYTRTDPREEEEEEEEKEEGKDEEYWLRASQQLSNETSSFGFNLLRKISMRHDGN
VIFSPFGLSVAMVNLMLGTKGETKVQIENGLNLQALSQAGPLILPALFKKVKETFSSNRDLGLSQGSFAFIHKDFDIKET
YFNLSKKYFDIEYVSINFQNSSQARGLINHCIVKETEGKIPKLFDEINPETKLILVDYVLFKGKWLTPFDPSFTEADTFH
LDKYRAIKVPMMYREGNFTSTFDKKFRCHILKLPYQGNATMLVVLMEKTGDYLALEDYLTVDLVETWLQNMKTRKMEVFF
PKFKLNQRYEMHELLKQMGIRRLFSTSADLSELSAMARNLQVSRVLQQSVLEVDERGTEAVSGTLSEIIAYSMPPAIKVN
RPFHFIIYEEMSRMLLFLGRVVNPTVL
;
_entity_poly.pdbx_strand_id   A
#
# COMPACT_ATOMS: atom_id res chain seq x y z
N ASP A 47 -7.78 17.79 18.70
CA ASP A 47 -8.51 18.60 17.69
C ASP A 47 -7.66 18.84 16.44
N GLU A 48 -7.24 17.76 15.76
CA GLU A 48 -6.60 17.84 14.43
C GLU A 48 -7.03 16.66 13.52
N GLU A 49 -8.18 16.07 13.82
CA GLU A 49 -8.71 14.95 13.03
C GLU A 49 -9.33 15.43 11.71
N TYR A 50 -9.74 16.71 11.69
CA TYR A 50 -10.45 17.27 10.54
C TYR A 50 -9.64 17.26 9.25
N TRP A 51 -8.31 17.23 9.36
CA TRP A 51 -7.44 17.15 8.18
C TRP A 51 -7.44 15.76 7.53
N LEU A 52 -7.68 14.71 8.31
CA LEU A 52 -7.87 13.37 7.74
C LEU A 52 -9.16 13.35 6.92
N ARG A 53 -10.19 14.00 7.46
CA ARG A 53 -11.51 14.08 6.82
C ARG A 53 -11.53 14.91 5.52
N ALA A 54 -10.61 15.86 5.38
CA ALA A 54 -10.46 16.64 4.15
C ALA A 54 -9.58 15.91 3.13
N SER A 55 -8.72 15.02 3.62
CA SER A 55 -7.89 14.17 2.79
C SER A 55 -8.69 13.14 1.96
N GLN A 56 -9.96 12.95 2.31
CA GLN A 56 -10.87 12.03 1.63
C GLN A 56 -10.84 12.10 0.08
N GLN A 57 -10.52 13.27 -0.48
CA GLN A 57 -10.45 13.40 -1.94
C GLN A 57 -9.12 12.95 -2.49
N LEU A 58 -8.02 13.35 -1.85
CA LEU A 58 -6.71 12.82 -2.21
C LEU A 58 -6.82 11.30 -2.09
N SER A 59 -7.39 10.84 -0.99
CA SER A 59 -7.52 9.42 -0.71
C SER A 59 -8.27 8.67 -1.80
N ASN A 60 -9.45 9.16 -2.16
CA ASN A 60 -10.29 8.48 -3.15
C ASN A 60 -9.63 8.39 -4.52
N GLU A 61 -8.88 9.42 -4.89
CA GLU A 61 -8.15 9.41 -6.15
C GLU A 61 -6.95 8.45 -6.08
N THR A 62 -6.26 8.45 -4.94
CA THR A 62 -5.13 7.55 -4.71
C THR A 62 -5.60 6.09 -4.68
N SER A 63 -6.79 5.86 -4.13
CA SER A 63 -7.40 4.54 -4.14
C SER A 63 -7.67 4.05 -5.58
N SER A 64 -8.25 4.91 -6.42
CA SER A 64 -8.51 4.55 -7.81
C SER A 64 -7.23 4.14 -8.51
N PHE A 65 -6.18 4.92 -8.27
CA PHE A 65 -4.86 4.65 -8.79
C PHE A 65 -4.41 3.27 -8.34
N GLY A 66 -4.55 3.01 -7.04
CA GLY A 66 -4.31 1.69 -6.45
C GLY A 66 -5.04 0.56 -7.16
N PHE A 67 -6.31 0.77 -7.49
CA PHE A 67 -7.08 -0.27 -8.17
C PHE A 67 -6.62 -0.44 -9.61
N ASN A 68 -6.23 0.64 -10.27
CA ASN A 68 -5.70 0.55 -11.62
C ASN A 68 -4.38 -0.21 -11.64
N LEU A 69 -3.59 -0.04 -10.59
CA LEU A 69 -2.30 -0.68 -10.51
C LEU A 69 -2.47 -2.17 -10.23
N LEU A 70 -3.36 -2.52 -9.30
CA LEU A 70 -3.62 -3.93 -9.00
C LEU A 70 -4.10 -4.63 -10.27
N ARG A 71 -4.88 -3.92 -11.08
CA ARG A 71 -5.27 -4.43 -12.39
C ARG A 71 -4.07 -4.75 -13.27
N LYS A 72 -3.11 -3.83 -13.32
CA LYS A 72 -1.91 -3.98 -14.13
C LYS A 72 -1.05 -5.13 -13.63
N ILE A 73 -0.87 -5.21 -12.31
CA ILE A 73 -0.15 -6.31 -11.67
C ILE A 73 -0.82 -7.63 -12.02
N SER A 74 -2.14 -7.65 -11.92
CA SER A 74 -2.95 -8.84 -12.21
C SER A 74 -2.67 -9.46 -13.59
N MET A 75 -2.33 -8.62 -14.56
CA MET A 75 -1.95 -9.09 -15.90
C MET A 75 -0.61 -9.80 -15.87
N ARG A 76 0.36 -9.24 -15.14
CA ARG A 76 1.75 -9.69 -15.23
C ARG A 76 2.08 -10.95 -14.45
N HIS A 77 1.31 -11.28 -13.41
CA HIS A 77 1.66 -12.44 -12.57
C HIS A 77 0.54 -13.01 -11.70
N ASP A 78 0.77 -14.24 -11.24
CA ASP A 78 -0.29 -15.15 -10.80
C ASP A 78 -0.50 -15.30 -9.27
N GLY A 79 0.45 -14.84 -8.45
CA GLY A 79 0.47 -15.17 -7.02
C GLY A 79 0.05 -14.10 -6.03
N ASN A 80 0.59 -14.17 -4.82
CA ASN A 80 0.38 -13.15 -3.79
C ASN A 80 0.74 -11.73 -4.27
N VAL A 81 -0.02 -10.75 -3.79
CA VAL A 81 0.17 -9.35 -4.13
C VAL A 81 -0.07 -8.48 -2.90
N ILE A 82 0.86 -7.62 -2.57
CA ILE A 82 0.64 -6.58 -1.56
C ILE A 82 1.41 -5.33 -1.93
N PHE A 83 0.73 -4.19 -1.86
CA PHE A 83 1.37 -2.89 -2.02
C PHE A 83 0.52 -1.80 -1.40
N SER A 84 1.16 -0.68 -1.06
CA SER A 84 0.47 0.45 -0.43
C SER A 84 0.31 1.60 -1.42
N PRO A 85 -0.90 1.78 -1.97
CA PRO A 85 -1.19 2.92 -2.84
C PRO A 85 -0.87 4.26 -2.17
N PHE A 86 -1.17 4.37 -0.89
CA PHE A 86 -0.82 5.52 -0.08
C PHE A 86 0.67 5.82 -0.14
N GLY A 87 1.47 4.88 0.37
CA GLY A 87 2.93 5.01 0.41
C GLY A 87 3.56 5.25 -0.94
N LEU A 88 3.11 4.52 -1.95
CA LEU A 88 3.66 4.69 -3.30
C LEU A 88 3.39 6.09 -3.82
N SER A 89 2.24 6.67 -3.48
CA SER A 89 1.90 7.98 -4.03
C SER A 89 2.58 9.14 -3.27
N VAL A 90 3.18 8.86 -2.12
CA VAL A 90 4.05 9.82 -1.46
C VAL A 90 5.32 10.00 -2.28
N ALA A 91 5.91 8.87 -2.64
CA ALA A 91 7.11 8.83 -3.45
C ALA A 91 6.86 9.44 -4.82
N MET A 92 5.76 9.04 -5.46
CA MET A 92 5.44 9.52 -6.81
C MET A 92 5.08 11.00 -6.86
N VAL A 93 4.38 11.50 -5.84
CA VAL A 93 4.06 12.93 -5.76
C VAL A 93 5.31 13.75 -5.45
N ASN A 94 6.17 13.26 -4.54
CA ASN A 94 7.45 13.90 -4.29
C ASN A 94 8.23 14.06 -5.58
N LEU A 95 8.32 12.98 -6.35
CA LEU A 95 8.90 13.05 -7.71
C LEU A 95 8.19 14.06 -8.59
N MET A 96 6.86 14.01 -8.60
CA MET A 96 6.05 14.85 -9.48
C MET A 96 6.45 16.32 -9.37
N LEU A 97 6.66 16.79 -8.15
CA LEU A 97 7.12 18.16 -7.89
C LEU A 97 8.53 18.47 -8.45
N GLY A 98 9.33 17.43 -8.64
CA GLY A 98 10.65 17.57 -9.23
C GLY A 98 10.66 17.66 -10.75
N THR A 99 9.51 17.44 -11.38
CA THR A 99 9.40 17.41 -12.84
C THR A 99 8.66 18.62 -13.42
N LYS A 100 8.54 18.65 -14.74
CA LYS A 100 7.70 19.61 -15.45
C LYS A 100 7.42 19.11 -16.88
N GLY A 101 6.54 19.79 -17.62
CA GLY A 101 6.27 19.45 -19.01
C GLY A 101 5.30 18.28 -19.14
N GLU A 102 5.64 17.31 -19.98
CA GLU A 102 4.84 16.09 -20.09
C GLU A 102 5.13 15.12 -18.95
N THR A 103 6.38 15.07 -18.52
CA THR A 103 6.81 14.23 -17.40
C THR A 103 5.87 14.40 -16.21
N LYS A 104 5.66 15.66 -15.81
CA LYS A 104 4.79 16.01 -14.70
C LYS A 104 3.35 15.65 -15.03
N VAL A 105 2.88 16.12 -16.19
CA VAL A 105 1.51 15.84 -16.66
C VAL A 105 1.15 14.36 -16.60
N GLN A 106 2.03 13.49 -17.10
CA GLN A 106 1.80 12.04 -17.07
C GLN A 106 1.58 11.52 -15.65
N ILE A 107 2.38 12.02 -14.71
CA ILE A 107 2.33 11.59 -13.30
C ILE A 107 1.03 12.09 -12.64
N GLU A 108 0.65 13.32 -12.92
CA GLU A 108 -0.62 13.85 -12.42
C GLU A 108 -1.76 12.96 -12.90
N ASN A 109 -1.79 12.66 -14.18
CA ASN A 109 -2.86 11.85 -14.78
C ASN A 109 -2.80 10.37 -14.39
N GLY A 110 -1.59 9.83 -14.29
CA GLY A 110 -1.38 8.48 -13.80
C GLY A 110 -1.84 8.29 -12.37
N LEU A 111 -1.72 9.34 -11.56
CA LEU A 111 -2.10 9.30 -10.15
C LEU A 111 -3.50 9.87 -9.85
N ASN A 112 -4.18 10.39 -10.86
CA ASN A 112 -5.51 11.01 -10.69
C ASN A 112 -5.49 12.27 -9.81
N LEU A 113 -4.35 12.96 -9.74
CA LEU A 113 -4.19 14.14 -8.90
C LEU A 113 -4.12 15.43 -9.71
N GLN A 114 -4.83 15.48 -10.83
CA GLN A 114 -4.88 16.65 -11.68
C GLN A 114 -5.68 17.80 -11.03
N ALA A 115 -6.77 17.46 -10.34
CA ALA A 115 -7.61 18.46 -9.67
C ALA A 115 -6.96 19.04 -8.42
N LEU A 116 -6.00 18.33 -7.85
CA LEU A 116 -5.24 18.82 -6.69
C LEU A 116 -3.91 19.51 -7.08
N SER A 117 -3.35 19.15 -8.23
CA SER A 117 -2.23 19.92 -8.80
C SER A 117 -2.67 21.28 -9.35
N GLN A 118 -3.97 21.43 -9.62
CA GLN A 118 -4.55 22.72 -10.02
C GLN A 118 -4.96 23.56 -8.79
N ALA A 119 -4.73 23.01 -7.58
CA ALA A 119 -5.13 23.67 -6.34
C ALA A 119 -4.14 24.74 -5.89
N GLY A 120 -2.92 24.66 -6.41
CA GLY A 120 -1.82 25.46 -5.92
C GLY A 120 -0.63 24.56 -5.68
N PRO A 121 0.57 25.14 -5.66
CA PRO A 121 1.82 24.37 -5.66
C PRO A 121 2.10 23.63 -4.36
N LEU A 122 1.61 24.16 -3.24
CA LEU A 122 1.96 23.63 -1.92
C LEU A 122 0.84 22.86 -1.20
N ILE A 123 -0.33 22.71 -1.83
CA ILE A 123 -1.45 22.03 -1.17
C ILE A 123 -1.28 20.50 -1.09
N LEU A 124 -0.88 19.88 -2.20
CA LEU A 124 -0.59 18.43 -2.18
C LEU A 124 0.51 18.08 -1.18
N PRO A 125 1.66 18.76 -1.27
CA PRO A 125 2.70 18.46 -0.28
C PRO A 125 2.27 18.72 1.17
N ALA A 126 1.49 19.78 1.39
CA ALA A 126 1.03 20.15 2.75
C ALA A 126 0.07 19.10 3.31
N LEU A 127 -0.78 18.54 2.46
CA LEU A 127 -1.66 17.45 2.87
C LEU A 127 -0.87 16.18 3.23
N PHE A 128 0.01 15.76 2.33
CA PHE A 128 0.82 14.56 2.58
C PHE A 128 1.62 14.70 3.87
N LYS A 129 2.12 15.91 4.15
CA LYS A 129 2.89 16.14 5.36
C LYS A 129 2.01 15.87 6.57
N LYS A 130 0.76 16.31 6.50
CA LYS A 130 -0.17 16.20 7.63
C LYS A 130 -0.74 14.78 7.77
N VAL A 131 -1.11 14.17 6.66
CA VAL A 131 -1.67 12.83 6.72
C VAL A 131 -0.63 11.84 7.24
N LYS A 132 0.63 12.01 6.81
CA LYS A 132 1.72 11.19 7.28
C LYS A 132 2.00 11.42 8.77
N GLU A 133 2.04 12.69 9.18
CA GLU A 133 2.39 13.01 10.55
C GLU A 133 1.28 12.58 11.53
N THR A 134 0.03 12.69 11.10
CA THR A 134 -1.09 12.31 11.95
C THR A 134 -1.05 10.82 12.23
N PHE A 135 -0.85 10.04 11.17
CA PHE A 135 -0.67 8.59 11.25
C PHE A 135 0.54 8.29 12.11
N SER A 136 1.65 8.92 11.75
CA SER A 136 2.95 8.65 12.36
C SER A 136 2.90 8.84 13.88
N SER A 137 2.25 9.91 14.33
CA SER A 137 2.19 10.23 15.75
C SER A 137 1.04 9.55 16.48
N ASN A 138 0.22 8.78 15.75
CA ASN A 138 -0.82 7.95 16.35
C ASN A 138 -0.23 6.71 17.01
N ARG A 139 -0.12 6.76 18.34
CA ARG A 139 0.46 5.65 19.12
C ARG A 139 -0.32 4.35 18.97
N ASP A 140 -1.60 4.46 18.61
CA ASP A 140 -2.50 3.32 18.56
C ASP A 140 -2.77 2.81 17.17
N LEU A 141 -2.16 3.44 16.17
CA LEU A 141 -2.19 2.93 14.80
C LEU A 141 -0.94 2.10 14.59
N GLY A 142 -1.09 0.92 14.00
CA GLY A 142 0.02 -0.02 13.83
C GLY A 142 0.71 0.16 12.50
N LEU A 143 0.89 1.41 12.10
CA LEU A 143 1.49 1.77 10.83
C LEU A 143 2.89 2.34 11.03
N SER A 144 3.82 1.87 10.22
CA SER A 144 5.14 2.50 10.03
C SER A 144 5.31 2.78 8.53
N GLN A 145 5.59 4.02 8.16
CA GLN A 145 5.82 4.36 6.75
C GLN A 145 7.05 5.24 6.58
N GLY A 146 7.76 5.06 5.47
CA GLY A 146 8.93 5.86 5.16
C GLY A 146 9.33 5.83 3.69
N SER A 147 10.31 6.65 3.32
CA SER A 147 10.76 6.75 1.95
C SER A 147 12.25 7.14 1.89
N PHE A 148 12.92 6.70 0.83
CA PHE A 148 14.32 7.07 0.58
C PHE A 148 14.51 7.47 -0.89
N ALA A 149 15.44 8.37 -1.13
CA ALA A 149 15.89 8.66 -2.49
C ALA A 149 17.41 8.52 -2.55
N PHE A 150 17.91 7.85 -3.59
CA PHE A 150 19.35 7.73 -3.80
C PHE A 150 19.71 8.14 -5.22
N ILE A 151 20.51 9.19 -5.32
CA ILE A 151 20.89 9.79 -6.60
C ILE A 151 22.40 9.74 -6.79
N HIS A 152 22.82 9.64 -8.05
CA HIS A 152 24.23 9.54 -8.37
C HIS A 152 24.97 10.85 -8.06
N LYS A 153 26.21 10.74 -7.60
CA LYS A 153 27.03 11.90 -7.23
C LYS A 153 27.20 12.92 -8.36
N ASP A 154 27.09 12.46 -9.60
CA ASP A 154 27.23 13.32 -10.78
C ASP A 154 26.26 14.51 -10.77
N PHE A 155 25.06 14.31 -10.23
CA PHE A 155 24.02 15.35 -10.24
C PHE A 155 23.91 16.09 -8.91
N ASP A 156 23.89 17.41 -8.97
CA ASP A 156 23.64 18.24 -7.79
C ASP A 156 22.13 18.46 -7.61
N ILE A 157 21.65 18.33 -6.38
CA ILE A 157 20.23 18.56 -6.09
C ILE A 157 19.97 20.04 -5.80
N LYS A 158 19.05 20.65 -6.57
CA LYS A 158 18.65 22.03 -6.30
C LYS A 158 18.22 22.16 -4.84
N GLU A 159 18.70 23.21 -4.18
CA GLU A 159 18.48 23.39 -2.74
C GLU A 159 17.00 23.49 -2.37
N THR A 160 16.21 24.14 -3.22
CA THR A 160 14.77 24.27 -3.02
C THR A 160 14.06 22.92 -2.93
N TYR A 161 14.31 22.07 -3.92
CA TYR A 161 13.71 20.74 -3.95
C TYR A 161 14.21 19.84 -2.83
N PHE A 162 15.47 20.02 -2.45
CA PHE A 162 16.05 19.24 -1.36
C PHE A 162 15.28 19.47 -0.07
N ASN A 163 15.13 20.74 0.29
CA ASN A 163 14.42 21.14 1.51
C ASN A 163 12.93 20.82 1.44
N LEU A 164 12.31 21.15 0.31
CA LEU A 164 10.91 20.79 0.05
C LEU A 164 10.67 19.28 0.21
N SER A 165 11.54 18.46 -0.38
CA SER A 165 11.41 17.00 -0.26
C SER A 165 11.57 16.52 1.17
N LYS A 166 12.51 17.10 1.90
CA LYS A 166 12.80 16.68 3.26
C LYS A 166 11.71 17.16 4.21
N LYS A 167 11.24 18.39 4.01
CA LYS A 167 10.20 18.99 4.86
C LYS A 167 8.86 18.26 4.69
N TYR A 168 8.28 18.33 3.49
CA TYR A 168 6.92 17.86 3.27
C TYR A 168 6.79 16.34 3.23
N PHE A 169 7.69 15.69 2.51
CA PHE A 169 7.60 14.25 2.26
C PHE A 169 8.52 13.40 3.13
N ASP A 170 9.36 14.04 3.94
CA ASP A 170 10.38 13.39 4.78
C ASP A 170 11.31 12.46 3.97
N ILE A 171 11.67 12.92 2.77
CA ILE A 171 12.59 12.22 1.89
C ILE A 171 13.88 13.04 1.77
N GLU A 172 15.00 12.44 2.15
CA GLU A 172 16.32 13.05 2.00
C GLU A 172 17.03 12.46 0.77
N TYR A 173 17.29 13.28 -0.24
CA TYR A 173 17.99 12.79 -1.44
C TYR A 173 19.48 12.61 -1.14
N VAL A 174 19.89 11.35 -1.01
CA VAL A 174 21.27 10.99 -0.62
C VAL A 174 22.13 10.70 -1.85
N SER A 175 23.26 11.40 -1.96
CA SER A 175 24.24 11.16 -3.02
C SER A 175 24.95 9.82 -2.83
N ILE A 176 25.14 9.10 -3.93
CA ILE A 176 25.70 7.76 -3.90
C ILE A 176 26.53 7.53 -5.15
N ASN A 177 27.64 6.83 -5.01
CA ASN A 177 28.48 6.49 -6.15
C ASN A 177 28.11 5.09 -6.62
N PHE A 178 27.19 5.03 -7.59
CA PHE A 178 26.69 3.76 -8.11
C PHE A 178 27.77 3.00 -8.85
N GLN A 179 28.73 3.73 -9.41
CA GLN A 179 29.81 3.14 -10.20
C GLN A 179 30.68 2.16 -9.40
N ASN A 180 30.57 2.19 -8.08
CA ASN A 180 31.05 1.09 -7.23
C ASN A 180 29.89 0.49 -6.45
N SER A 181 29.12 -0.35 -7.13
CA SER A 181 27.90 -0.91 -6.59
C SER A 181 28.11 -1.76 -5.34
N SER A 182 29.21 -2.51 -5.29
CA SER A 182 29.58 -3.25 -4.08
C SER A 182 29.50 -2.32 -2.87
N GLN A 183 30.13 -1.16 -3.00
CA GLN A 183 30.05 -0.09 -2.00
C GLN A 183 28.62 0.44 -1.93
N ALA A 184 28.10 0.86 -3.08
CA ALA A 184 26.80 1.54 -3.16
C ALA A 184 25.69 0.77 -2.46
N ARG A 185 25.59 -0.51 -2.77
CA ARG A 185 24.64 -1.39 -2.10
C ARG A 185 24.84 -1.40 -0.59
N GLY A 186 26.10 -1.34 -0.15
CA GLY A 186 26.41 -1.30 1.28
C GLY A 186 25.79 -0.10 1.98
N LEU A 187 26.06 1.09 1.46
CA LEU A 187 25.53 2.32 2.07
C LEU A 187 24.01 2.38 1.98
N ILE A 188 23.48 2.06 0.81
CA ILE A 188 22.02 2.02 0.61
C ILE A 188 21.37 1.09 1.63
N ASN A 189 21.83 -0.16 1.67
CA ASN A 189 21.28 -1.13 2.62
C ASN A 189 21.50 -0.73 4.08
N HIS A 190 22.54 0.06 4.34
CA HIS A 190 22.83 0.50 5.70
C HIS A 190 21.91 1.63 6.16
N CYS A 191 21.62 2.60 5.28
CA CYS A 191 20.67 3.68 5.62
C CYS A 191 19.31 3.10 5.98
N ILE A 192 18.85 2.20 5.12
CA ILE A 192 17.53 1.63 5.26
C ILE A 192 17.42 0.83 6.55
N VAL A 193 18.34 -0.11 6.77
CA VAL A 193 18.30 -0.94 7.97
C VAL A 193 18.46 -0.09 9.24
N LYS A 194 19.19 1.00 9.13
CA LYS A 194 19.38 1.92 10.26
C LYS A 194 18.12 2.75 10.49
N GLU A 195 17.70 3.50 9.46
CA GLU A 195 16.54 4.38 9.59
C GLU A 195 15.27 3.61 9.91
N THR A 196 15.19 2.36 9.47
CA THR A 196 14.06 1.49 9.84
C THR A 196 14.38 0.59 11.04
N GLU A 197 15.31 1.04 11.90
CA GLU A 197 15.60 0.42 13.20
C GLU A 197 15.69 -1.12 13.17
N GLY A 198 16.25 -1.66 12.09
CA GLY A 198 16.43 -3.11 11.95
C GLY A 198 15.38 -3.83 11.12
N LYS A 199 14.21 -3.20 10.91
CA LYS A 199 13.07 -3.88 10.29
C LYS A 199 13.29 -4.25 8.81
N ILE A 200 14.09 -3.46 8.10
CA ILE A 200 14.36 -3.71 6.67
C ILE A 200 15.85 -3.95 6.42
N PRO A 201 16.34 -5.15 6.79
CA PRO A 201 17.74 -5.47 6.57
C PRO A 201 18.02 -5.85 5.13
N LYS A 202 19.18 -5.44 4.62
CA LYS A 202 19.68 -5.91 3.33
C LYS A 202 18.60 -5.92 2.25
N LEU A 203 18.01 -4.75 2.01
CA LEU A 203 16.90 -4.65 1.06
C LEU A 203 17.31 -4.97 -0.39
N PHE A 204 18.50 -4.50 -0.79
CA PHE A 204 19.05 -4.83 -2.10
C PHE A 204 20.10 -5.91 -1.98
N ASP A 205 19.98 -6.96 -2.81
CA ASP A 205 21.00 -8.00 -2.88
C ASP A 205 22.01 -7.64 -4.00
N GLU A 206 21.58 -6.78 -4.91
CA GLU A 206 22.35 -6.41 -6.11
C GLU A 206 22.04 -4.98 -6.58
N ILE A 207 23.05 -4.31 -7.13
CA ILE A 207 22.88 -2.96 -7.68
C ILE A 207 23.59 -2.83 -9.03
N ASN A 208 22.90 -2.19 -9.99
CA ASN A 208 23.47 -1.87 -11.30
C ASN A 208 24.35 -0.63 -11.17
N PRO A 209 25.58 -0.66 -11.68
CA PRO A 209 26.45 0.52 -11.62
C PRO A 209 26.00 1.71 -12.49
N GLU A 210 25.20 1.44 -13.51
CA GLU A 210 24.71 2.48 -14.42
C GLU A 210 23.59 3.35 -13.81
N THR A 211 22.86 2.77 -12.85
CA THR A 211 21.72 3.44 -12.19
C THR A 211 22.00 4.90 -11.86
N LYS A 212 21.00 5.75 -12.10
CA LYS A 212 21.12 7.20 -11.89
C LYS A 212 20.36 7.68 -10.65
N LEU A 213 19.14 7.18 -10.47
CA LEU A 213 18.26 7.64 -9.38
C LEU A 213 17.28 6.56 -8.93
N ILE A 214 17.38 6.16 -7.67
CA ILE A 214 16.44 5.17 -7.09
C ILE A 214 15.57 5.81 -6.00
N LEU A 215 14.27 5.56 -6.08
CA LEU A 215 13.29 5.91 -5.05
C LEU A 215 12.85 4.65 -4.35
N VAL A 216 12.85 4.66 -3.03
CA VAL A 216 12.41 3.52 -2.23
C VAL A 216 11.34 3.91 -1.23
N ASP A 217 10.14 3.33 -1.36
CA ASP A 217 9.08 3.48 -0.36
C ASP A 217 8.90 2.21 0.45
N TYR A 218 8.48 2.35 1.69
CA TYR A 218 8.16 1.19 2.50
C TYR A 218 6.96 1.44 3.41
N VAL A 219 6.19 0.38 3.65
CA VAL A 219 5.05 0.40 4.55
C VAL A 219 5.04 -0.90 5.37
N LEU A 220 4.96 -0.75 6.68
CA LEU A 220 4.89 -1.88 7.60
C LEU A 220 3.65 -1.70 8.45
N PHE A 221 2.78 -2.70 8.47
CA PHE A 221 1.57 -2.63 9.29
C PHE A 221 1.37 -3.91 10.09
N LYS A 222 1.18 -3.73 11.40
CA LYS A 222 0.92 -4.84 12.32
C LYS A 222 0.10 -4.28 13.48
N GLY A 223 -1.18 -4.04 13.23
CA GLY A 223 -2.08 -3.41 14.21
C GLY A 223 -2.79 -4.44 15.06
N LYS A 224 -3.31 -4.00 16.20
CA LYS A 224 -4.11 -4.85 17.07
C LYS A 224 -5.58 -4.77 16.66
N TRP A 225 -6.27 -5.92 16.66
CA TRP A 225 -7.70 -5.95 16.42
C TRP A 225 -8.42 -5.25 17.57
N LEU A 226 -9.54 -4.61 17.26
CA LEU A 226 -10.44 -4.13 18.32
C LEU A 226 -10.91 -5.32 19.17
N THR A 227 -11.19 -6.44 18.53
CA THR A 227 -11.55 -7.65 19.24
C THR A 227 -10.54 -8.76 18.92
N PRO A 228 -9.84 -9.25 19.94
CA PRO A 228 -8.80 -10.25 19.73
C PRO A 228 -9.35 -11.64 19.42
N PHE A 229 -8.58 -12.42 18.67
CA PHE A 229 -8.82 -13.86 18.59
C PHE A 229 -8.20 -14.55 19.79
N ASP A 230 -8.95 -15.46 20.43
CA ASP A 230 -8.36 -16.29 21.48
C ASP A 230 -7.34 -17.21 20.79
N PRO A 231 -6.06 -17.13 21.20
CA PRO A 231 -5.03 -17.96 20.56
C PRO A 231 -5.26 -19.47 20.67
N SER A 232 -6.00 -19.91 21.69
CA SER A 232 -6.21 -21.35 21.90
C SER A 232 -7.24 -21.94 20.94
N PHE A 233 -7.97 -21.10 20.21
CA PHE A 233 -8.87 -21.58 19.16
C PHE A 233 -8.16 -21.70 17.81
N THR A 234 -7.00 -21.07 17.67
CA THR A 234 -6.19 -21.21 16.47
C THR A 234 -5.65 -22.63 16.35
N GLU A 235 -6.08 -23.33 15.30
CA GLU A 235 -5.54 -24.65 14.99
C GLU A 235 -5.24 -24.70 13.50
N ALA A 236 -4.53 -25.74 13.09
CA ALA A 236 -4.22 -25.96 11.67
C ALA A 236 -5.51 -26.28 10.93
N ASP A 237 -5.62 -25.78 9.71
CA ASP A 237 -6.84 -25.98 8.94
C ASP A 237 -6.53 -25.94 7.46
N THR A 238 -7.32 -26.66 6.68
CA THR A 238 -7.13 -26.69 5.25
C THR A 238 -7.30 -25.31 4.64
N PHE A 239 -6.37 -24.94 3.75
CA PHE A 239 -6.50 -23.77 2.89
C PHE A 239 -6.36 -24.22 1.44
N HIS A 240 -7.38 -23.93 0.64
CA HIS A 240 -7.46 -24.41 -0.72
C HIS A 240 -6.86 -23.44 -1.70
N LEU A 241 -5.70 -23.80 -2.24
CA LEU A 241 -5.03 -22.96 -3.24
C LEU A 241 -5.81 -22.99 -4.56
N ASP A 242 -6.33 -24.18 -4.90
CA ASP A 242 -7.24 -24.31 -6.03
C ASP A 242 -8.08 -25.58 -5.88
N LYS A 243 -8.78 -25.98 -6.93
CA LYS A 243 -9.53 -27.24 -6.93
C LYS A 243 -8.67 -28.47 -6.68
N TYR A 244 -7.35 -28.33 -6.79
CA TYR A 244 -6.48 -29.50 -6.73
C TYR A 244 -5.50 -29.51 -5.57
N ARG A 245 -4.96 -28.34 -5.24
CA ARG A 245 -3.98 -28.22 -4.17
C ARG A 245 -4.61 -27.57 -2.94
N ALA A 246 -4.42 -28.19 -1.78
CA ALA A 246 -4.70 -27.54 -0.51
C ALA A 246 -3.45 -27.63 0.35
N ILE A 247 -3.26 -26.63 1.21
CA ILE A 247 -2.21 -26.68 2.22
C ILE A 247 -2.86 -26.59 3.58
N LYS A 248 -2.04 -26.61 4.64
CA LYS A 248 -2.50 -26.32 5.99
C LYS A 248 -2.01 -24.94 6.40
N VAL A 249 -2.86 -24.22 7.14
CA VAL A 249 -2.51 -22.90 7.66
C VAL A 249 -2.96 -22.83 9.11
N PRO A 250 -2.29 -21.98 9.91
CA PRO A 250 -2.85 -21.75 11.24
C PRO A 250 -4.09 -20.86 11.10
N MET A 251 -5.25 -21.38 11.48
CA MET A 251 -6.53 -20.72 11.25
C MET A 251 -7.08 -20.17 12.56
N MET A 252 -7.10 -18.85 12.70
CA MET A 252 -7.73 -18.19 13.85
C MET A 252 -9.24 -18.29 13.76
N TYR A 253 -9.89 -18.21 14.91
CA TYR A 253 -11.33 -18.43 15.00
C TYR A 253 -11.97 -17.58 16.10
N ARG A 254 -13.15 -17.05 15.79
CA ARG A 254 -13.94 -16.33 16.77
C ARG A 254 -15.42 -16.43 16.40
N GLU A 255 -16.25 -16.71 17.39
CA GLU A 255 -17.69 -16.56 17.27
C GLU A 255 -18.05 -15.35 18.10
N GLY A 256 -18.53 -14.30 17.44
CA GLY A 256 -18.83 -13.04 18.11
C GLY A 256 -19.46 -12.05 17.16
N ASN A 257 -19.57 -10.79 17.57
CA ASN A 257 -20.16 -9.76 16.72
C ASN A 257 -19.23 -9.41 15.56
N PHE A 258 -19.69 -9.64 14.34
CA PHE A 258 -18.93 -9.29 13.14
C PHE A 258 -19.80 -8.47 12.20
N THR A 259 -19.15 -7.63 11.40
CA THR A 259 -19.83 -6.78 10.43
C THR A 259 -19.40 -7.19 9.05
N SER A 260 -20.38 -7.52 8.20
CA SER A 260 -20.10 -7.86 6.80
C SER A 260 -21.28 -7.51 5.92
N THR A 261 -21.14 -7.77 4.63
CA THR A 261 -22.22 -7.61 3.67
C THR A 261 -21.93 -8.57 2.52
N PHE A 262 -22.94 -8.86 1.71
CA PHE A 262 -22.79 -9.82 0.61
C PHE A 262 -23.15 -9.17 -0.71
N ASP A 263 -22.20 -9.06 -1.62
CA ASP A 263 -22.47 -8.50 -2.94
C ASP A 263 -23.11 -9.55 -3.81
N LYS A 264 -24.38 -9.33 -4.15
CA LYS A 264 -25.15 -10.33 -4.91
C LYS A 264 -24.66 -10.46 -6.35
N LYS A 265 -24.06 -9.42 -6.90
CA LYS A 265 -23.59 -9.42 -8.29
C LYS A 265 -22.35 -10.29 -8.46
N PHE A 266 -21.41 -10.15 -7.53
CA PHE A 266 -20.14 -10.87 -7.57
C PHE A 266 -20.14 -12.12 -6.67
N ARG A 267 -21.16 -12.22 -5.82
CA ARG A 267 -21.33 -13.35 -4.92
C ARG A 267 -20.10 -13.54 -4.03
N CYS A 268 -19.74 -12.45 -3.36
CA CYS A 268 -18.64 -12.46 -2.41
C CYS A 268 -19.02 -11.74 -1.13
N HIS A 269 -18.42 -12.18 -0.03
CA HIS A 269 -18.59 -11.55 1.25
C HIS A 269 -17.52 -10.50 1.47
N ILE A 270 -17.88 -9.42 2.15
CA ILE A 270 -16.95 -8.35 2.46
C ILE A 270 -17.02 -8.16 3.96
N LEU A 271 -15.96 -8.56 4.65
CA LEU A 271 -15.97 -8.68 6.10
C LEU A 271 -15.12 -7.57 6.69
N LYS A 272 -15.66 -6.84 7.65
CA LYS A 272 -14.90 -5.81 8.35
C LYS A 272 -14.21 -6.42 9.56
N LEU A 273 -12.88 -6.28 9.62
CA LEU A 273 -12.11 -6.62 10.81
C LEU A 273 -11.40 -5.36 11.33
N PRO A 274 -12.04 -4.64 12.28
CA PRO A 274 -11.55 -3.36 12.78
C PRO A 274 -10.27 -3.47 13.57
N TYR A 275 -9.41 -2.46 13.42
CA TYR A 275 -8.16 -2.37 14.18
C TYR A 275 -8.30 -1.23 15.17
N GLN A 276 -7.44 -1.28 16.18
CA GLN A 276 -7.11 -0.13 17.00
C GLN A 276 -6.70 1.01 16.05
N GLY A 277 -6.75 2.25 16.51
CA GLY A 277 -6.24 3.38 15.71
C GLY A 277 -7.07 3.78 14.48
N ASN A 278 -8.34 3.41 14.48
CA ASN A 278 -9.26 3.69 13.37
C ASN A 278 -8.80 3.21 12.00
N ALA A 279 -8.30 1.98 11.93
CA ALA A 279 -7.97 1.34 10.66
C ALA A 279 -8.74 0.04 10.56
N THR A 280 -9.14 -0.31 9.36
CA THR A 280 -10.00 -1.48 9.17
C THR A 280 -9.50 -2.30 8.02
N MET A 281 -9.55 -3.62 8.16
CA MET A 281 -9.30 -4.52 7.05
C MET A 281 -10.64 -5.01 6.57
N LEU A 282 -10.92 -4.83 5.29
CA LEU A 282 -11.99 -5.53 4.61
C LEU A 282 -11.40 -6.82 4.02
N VAL A 283 -11.97 -7.97 4.36
CA VAL A 283 -11.62 -9.22 3.70
C VAL A 283 -12.65 -9.54 2.60
N VAL A 284 -12.21 -9.67 1.35
CA VAL A 284 -13.11 -10.03 0.25
C VAL A 284 -12.96 -11.48 -0.22
N LEU A 285 -13.96 -12.29 0.09
CA LEU A 285 -13.95 -13.72 -0.22
C LEU A 285 -15.07 -14.04 -1.20
N MET A 286 -14.72 -14.58 -2.36
CA MET A 286 -15.73 -15.02 -3.35
C MET A 286 -16.22 -16.43 -3.04
N GLU A 287 -17.26 -16.85 -3.75
CA GLU A 287 -17.76 -18.22 -3.69
C GLU A 287 -16.94 -19.14 -4.60
N LYS A 288 -16.61 -20.33 -4.11
CA LYS A 288 -15.76 -21.32 -4.82
C LYS A 288 -16.03 -21.35 -6.34
N THR A 289 -17.32 -21.41 -6.69
CA THR A 289 -17.82 -21.46 -8.09
C THR A 289 -17.23 -20.35 -8.98
N GLY A 290 -17.06 -19.15 -8.42
CA GLY A 290 -16.55 -18.00 -9.16
C GLY A 290 -15.04 -17.90 -9.11
N ASP A 291 -14.50 -16.97 -9.91
CA ASP A 291 -13.07 -16.70 -9.96
C ASP A 291 -12.75 -15.37 -9.26
N TYR A 292 -11.96 -15.43 -8.20
CA TYR A 292 -11.47 -14.24 -7.48
C TYR A 292 -10.65 -13.29 -8.35
N LEU A 293 -10.02 -13.79 -9.41
CA LEU A 293 -9.26 -12.91 -10.29
C LEU A 293 -10.18 -11.98 -11.09
N ALA A 294 -11.41 -12.41 -11.37
CA ALA A 294 -12.34 -11.58 -12.13
C ALA A 294 -12.73 -10.30 -11.40
N LEU A 295 -12.79 -10.35 -10.07
CA LEU A 295 -13.17 -9.19 -9.25
C LEU A 295 -12.29 -7.97 -9.51
N GLU A 296 -11.02 -8.22 -9.77
CA GLU A 296 -10.05 -7.14 -9.89
C GLU A 296 -10.36 -6.23 -11.08
N ASP A 297 -10.98 -6.78 -12.12
CA ASP A 297 -11.46 -5.96 -13.23
C ASP A 297 -12.51 -4.93 -12.82
N TYR A 298 -13.15 -5.13 -11.66
CA TYR A 298 -14.30 -4.32 -11.26
C TYR A 298 -14.14 -3.49 -9.98
N LEU A 299 -13.05 -3.68 -9.23
CA LEU A 299 -12.79 -2.92 -8.01
C LEU A 299 -12.70 -1.41 -8.27
N THR A 300 -13.60 -0.65 -7.67
CA THR A 300 -13.57 0.81 -7.76
C THR A 300 -13.92 1.43 -6.41
N VAL A 301 -13.60 2.70 -6.24
CA VAL A 301 -13.92 3.43 -5.02
C VAL A 301 -15.42 3.40 -4.76
N ASP A 302 -16.21 3.61 -5.82
CA ASP A 302 -17.66 3.50 -5.72
C ASP A 302 -18.09 2.13 -5.21
N LEU A 303 -17.52 1.06 -5.77
CA LEU A 303 -17.95 -0.28 -5.39
C LEU A 303 -17.73 -0.47 -3.90
N VAL A 304 -16.55 -0.13 -3.42
CA VAL A 304 -16.23 -0.28 -2.01
C VAL A 304 -17.17 0.56 -1.15
N GLU A 305 -17.44 1.79 -1.54
CA GLU A 305 -18.42 2.63 -0.81
C GLU A 305 -19.78 1.94 -0.70
N THR A 306 -20.25 1.36 -1.80
CA THR A 306 -21.49 0.58 -1.77
C THR A 306 -21.45 -0.60 -0.76
N TRP A 307 -20.31 -1.27 -0.67
CA TRP A 307 -20.18 -2.34 0.31
C TRP A 307 -20.30 -1.81 1.72
N LEU A 308 -19.59 -0.74 2.00
CA LEU A 308 -19.63 -0.12 3.32
C LEU A 308 -21.06 0.27 3.72
N GLN A 309 -21.83 0.81 2.79
CA GLN A 309 -23.20 1.30 3.07
C GLN A 309 -24.24 0.21 3.36
N ASN A 310 -23.97 -1.01 2.92
CA ASN A 310 -24.86 -2.15 3.17
C ASN A 310 -24.39 -3.04 4.31
N MET A 311 -23.35 -2.63 5.02
CA MET A 311 -22.82 -3.41 6.12
C MET A 311 -23.86 -3.56 7.23
N LYS A 312 -23.86 -4.73 7.85
CA LYS A 312 -24.70 -4.98 9.01
C LYS A 312 -23.90 -5.82 9.99
N THR A 313 -24.24 -5.74 11.27
CA THR A 313 -23.49 -6.45 12.30
C THR A 313 -24.27 -7.68 12.74
N ARG A 314 -23.68 -8.85 12.54
CA ARG A 314 -24.31 -10.14 12.84
C ARG A 314 -23.49 -10.94 13.85
N LYS A 315 -24.15 -11.77 14.65
CA LYS A 315 -23.45 -12.77 15.46
C LYS A 315 -23.06 -13.90 14.52
N MET A 316 -21.76 -14.12 14.37
CA MET A 316 -21.21 -14.90 13.27
C MET A 316 -19.99 -15.71 13.69
N GLU A 317 -19.71 -16.79 12.95
CA GLU A 317 -18.50 -17.58 13.13
C GLU A 317 -17.49 -17.19 12.05
N VAL A 318 -16.30 -16.75 12.45
CA VAL A 318 -15.26 -16.34 11.50
C VAL A 318 -14.00 -17.18 11.67
N PHE A 319 -13.53 -17.74 10.55
CA PHE A 319 -12.26 -18.46 10.46
C PHE A 319 -11.33 -17.65 9.56
N PHE A 320 -10.24 -17.14 10.12
CA PHE A 320 -9.31 -16.30 9.36
C PHE A 320 -7.87 -16.71 9.66
N PRO A 321 -7.05 -16.97 8.63
CA PRO A 321 -5.72 -17.48 8.91
C PRO A 321 -4.76 -16.41 9.40
N LYS A 322 -3.88 -16.76 10.32
CA LYS A 322 -2.79 -15.88 10.72
C LYS A 322 -1.64 -16.06 9.72
N PHE A 323 -1.12 -14.96 9.21
CA PHE A 323 -0.10 -15.02 8.19
C PHE A 323 0.71 -13.74 8.17
N LYS A 324 1.69 -13.68 7.28
CA LYS A 324 2.57 -12.52 7.12
C LYS A 324 2.96 -12.37 5.65
N LEU A 325 2.74 -11.20 5.08
CA LEU A 325 3.25 -10.89 3.74
C LEU A 325 4.42 -9.93 3.90
N ASN A 326 5.56 -10.31 3.33
CA ASN A 326 6.74 -9.46 3.25
C ASN A 326 7.22 -9.51 1.81
N GLN A 327 6.98 -8.44 1.07
CA GLN A 327 7.14 -8.47 -0.37
C GLN A 327 7.61 -7.12 -0.93
N ARG A 328 8.67 -7.17 -1.71
CA ARG A 328 9.29 -6.00 -2.31
C ARG A 328 8.98 -5.97 -3.80
N TYR A 329 8.45 -4.83 -4.26
CA TYR A 329 7.93 -4.69 -5.61
C TYR A 329 8.71 -3.66 -6.46
N GLU A 330 9.16 -4.08 -7.63
CA GLU A 330 9.69 -3.18 -8.66
C GLU A 330 8.52 -2.55 -9.40
N MET A 331 8.28 -1.26 -9.16
CA MET A 331 7.04 -0.63 -9.63
C MET A 331 7.15 0.13 -10.95
N HIS A 332 8.35 0.61 -11.29
CA HIS A 332 8.50 1.49 -12.46
C HIS A 332 7.95 0.91 -13.77
N GLU A 333 8.15 -0.38 -14.00
CA GLU A 333 7.68 -1.03 -15.24
C GLU A 333 6.16 -1.18 -15.28
N LEU A 334 5.54 -1.23 -14.10
CA LEU A 334 4.10 -1.17 -14.00
C LEU A 334 3.62 0.26 -14.17
N LEU A 335 4.30 1.21 -13.52
CA LEU A 335 3.96 2.64 -13.66
C LEU A 335 4.06 3.08 -15.12
N LYS A 336 5.05 2.57 -15.85
CA LYS A 336 5.11 2.73 -17.30
C LYS A 336 3.78 2.34 -17.92
N GLN A 337 3.29 1.14 -17.59
CA GLN A 337 2.06 0.62 -18.20
C GLN A 337 0.85 1.52 -17.97
N MET A 338 0.86 2.27 -16.87
CA MET A 338 -0.24 3.16 -16.54
C MET A 338 -0.14 4.54 -17.20
N GLY A 339 0.87 4.74 -18.04
CA GLY A 339 1.03 5.99 -18.79
C GLY A 339 2.18 6.89 -18.36
N ILE A 340 2.84 6.54 -17.25
CA ILE A 340 4.00 7.31 -16.76
C ILE A 340 5.27 6.81 -17.43
N ARG A 341 5.56 7.32 -18.63
CA ARG A 341 6.66 6.81 -19.45
C ARG A 341 7.86 7.76 -19.51
N ARG A 342 7.60 9.05 -19.64
CA ARG A 342 8.66 10.03 -19.83
C ARG A 342 9.57 10.21 -18.61
N LEU A 343 9.06 9.92 -17.42
CA LEU A 343 9.85 10.05 -16.19
C LEU A 343 11.05 9.11 -16.19
N PHE A 344 10.86 7.93 -16.78
CA PHE A 344 11.85 6.86 -16.76
C PHE A 344 12.67 6.79 -18.04
N SER A 345 12.51 7.77 -18.92
CA SER A 345 13.24 7.81 -20.18
C SER A 345 14.31 8.90 -20.13
N THR A 346 15.12 9.00 -21.19
CA THR A 346 16.14 10.04 -21.30
C THR A 346 15.52 11.42 -21.53
N SER A 347 14.31 11.44 -22.10
CA SER A 347 13.56 12.68 -22.33
C SER A 347 13.01 13.30 -21.05
N ALA A 348 13.10 12.56 -19.95
CA ALA A 348 12.64 13.01 -18.64
C ALA A 348 12.98 14.47 -18.36
N ASP A 349 11.99 15.25 -17.95
CA ASP A 349 12.19 16.60 -17.47
C ASP A 349 12.19 16.57 -15.93
N LEU A 350 13.39 16.53 -15.34
CA LEU A 350 13.57 16.61 -13.88
C LEU A 350 14.28 17.90 -13.50
N SER A 351 14.09 18.95 -14.31
CA SER A 351 14.88 20.20 -14.16
C SER A 351 14.64 20.93 -12.85
N GLU A 352 13.49 20.70 -12.21
CA GLU A 352 13.21 21.25 -10.87
C GLU A 352 13.92 20.47 -9.74
N LEU A 353 14.44 19.28 -10.05
CA LEU A 353 15.26 18.52 -9.10
C LEU A 353 16.72 18.90 -9.27
N SER A 354 17.18 18.90 -10.52
CA SER A 354 18.57 19.23 -10.86
C SER A 354 18.61 19.90 -12.24
N ALA A 355 19.07 21.15 -12.27
CA ALA A 355 19.05 21.96 -13.50
C ALA A 355 20.08 21.58 -14.56
N MET A 356 21.05 20.74 -14.18
CA MET A 356 22.23 20.49 -15.01
C MET A 356 22.06 19.55 -16.22
N ALA A 357 21.46 18.38 -16.02
CA ALA A 357 21.60 17.28 -16.99
C ALA A 357 20.30 16.84 -17.65
N ARG A 358 20.36 16.54 -18.94
CA ARG A 358 19.32 15.78 -19.64
C ARG A 358 19.59 14.28 -19.53
N ASN A 359 20.79 13.94 -19.05
CA ASN A 359 21.14 12.56 -18.68
C ASN A 359 20.13 11.93 -17.73
N LEU A 360 19.69 12.72 -16.74
CA LEU A 360 18.95 12.21 -15.57
C LEU A 360 17.57 11.64 -15.87
N GLN A 361 17.23 10.57 -15.15
CA GLN A 361 15.93 9.92 -15.23
C GLN A 361 15.77 9.05 -14.00
N VAL A 362 14.56 8.60 -13.74
CA VAL A 362 14.36 7.66 -12.63
C VAL A 362 14.74 6.26 -13.09
N SER A 363 15.65 5.63 -12.36
CA SER A 363 16.12 4.29 -12.71
C SER A 363 15.18 3.22 -12.17
N ARG A 364 14.96 3.22 -10.85
CA ARG A 364 14.10 2.24 -10.20
C ARG A 364 13.18 2.87 -9.17
N VAL A 365 11.98 2.32 -9.05
CA VAL A 365 11.04 2.68 -7.99
C VAL A 365 10.61 1.41 -7.28
N LEU A 366 11.05 1.25 -6.04
CA LEU A 366 10.76 0.07 -5.25
C LEU A 366 9.88 0.39 -4.06
N GLN A 367 8.87 -0.44 -3.83
CA GLN A 367 8.16 -0.43 -2.59
C GLN A 367 8.41 -1.74 -1.86
N GLN A 368 8.66 -1.66 -0.55
CA GLN A 368 8.79 -2.82 0.31
C GLN A 368 7.57 -2.83 1.22
N SER A 369 6.76 -3.88 1.12
CA SER A 369 5.54 -3.98 1.91
C SER A 369 5.63 -5.10 2.92
N VAL A 370 5.14 -4.84 4.14
CA VAL A 370 5.07 -5.85 5.18
C VAL A 370 3.72 -5.83 5.88
N LEU A 371 2.94 -6.89 5.73
CA LEU A 371 1.72 -7.08 6.52
C LEU A 371 1.88 -8.25 7.48
N GLU A 372 1.38 -8.06 8.69
CA GLU A 372 1.50 -9.07 9.72
C GLU A 372 0.14 -9.22 10.39
N VAL A 373 -0.45 -10.40 10.25
CA VAL A 373 -1.77 -10.72 10.78
C VAL A 373 -1.64 -11.84 11.78
N ASP A 374 -2.08 -11.59 13.01
CA ASP A 374 -2.16 -12.63 14.03
C ASP A 374 -3.31 -12.35 14.99
N GLU A 375 -3.33 -13.03 16.15
CA GLU A 375 -4.44 -12.93 17.10
C GLU A 375 -4.53 -11.61 17.83
N ARG A 376 -3.40 -10.93 18.00
CA ARG A 376 -3.27 -9.87 19.01
C ARG A 376 -4.29 -8.73 18.82
N GLY A 377 -4.95 -8.37 19.93
CA GLY A 377 -5.98 -7.32 19.92
C GLY A 377 -5.93 -6.42 21.16
N THR A 378 -6.96 -5.59 21.32
CA THR A 378 -6.98 -4.57 22.39
C THR A 378 -7.68 -5.06 23.64
N GLU A 379 -7.22 -4.57 24.79
CA GLU A 379 -7.84 -4.86 26.09
C GLU A 379 -8.87 -3.77 26.43
N GLU A 387 -26.87 -2.76 16.33
CA GLU A 387 -27.82 -3.78 16.78
C GLU A 387 -27.55 -5.11 16.07
N ILE A 388 -27.49 -6.19 16.84
CA ILE A 388 -26.92 -7.45 16.35
C ILE A 388 -27.99 -8.42 15.89
N ILE A 389 -27.93 -8.79 14.63
CA ILE A 389 -28.79 -9.85 14.08
C ILE A 389 -28.26 -11.19 14.57
N ALA A 390 -29.07 -11.89 15.37
CA ALA A 390 -28.71 -13.21 15.87
C ALA A 390 -29.66 -14.25 15.32
N TYR A 391 -29.12 -15.21 14.57
CA TYR A 391 -29.88 -16.39 14.18
C TYR A 391 -29.85 -17.37 15.36
N SER A 392 -30.60 -18.46 15.27
CA SER A 392 -30.62 -19.42 16.36
C SER A 392 -29.26 -20.11 16.48
N MET A 393 -28.65 -20.37 15.34
CA MET A 393 -27.26 -20.79 15.27
C MET A 393 -26.59 -19.94 14.20
N PRO A 394 -25.33 -19.54 14.45
CA PRO A 394 -24.68 -18.54 13.62
C PRO A 394 -24.29 -19.07 12.24
N PRO A 395 -24.23 -18.17 11.24
CA PRO A 395 -23.61 -18.52 9.97
C PRO A 395 -22.12 -18.43 10.16
N ALA A 396 -21.35 -18.78 9.13
CA ALA A 396 -19.90 -18.65 9.18
C ALA A 396 -19.33 -18.11 7.90
N ILE A 397 -18.37 -17.20 8.03
CA ILE A 397 -17.50 -16.87 6.91
C ILE A 397 -16.16 -17.56 7.17
N LYS A 398 -15.84 -18.56 6.36
CA LYS A 398 -14.61 -19.32 6.50
C LYS A 398 -13.66 -18.99 5.34
N VAL A 399 -12.61 -18.22 5.64
CA VAL A 399 -11.64 -17.76 4.64
C VAL A 399 -10.54 -18.80 4.45
N ASN A 400 -10.87 -19.86 3.72
CA ASN A 400 -9.96 -20.97 3.47
C ASN A 400 -9.73 -21.22 1.97
N ARG A 401 -9.69 -20.13 1.21
CA ARG A 401 -9.23 -20.13 -0.17
C ARG A 401 -8.80 -18.70 -0.51
N PRO A 402 -8.16 -18.48 -1.68
CA PRO A 402 -7.61 -17.17 -1.96
C PRO A 402 -8.62 -16.02 -1.90
N PHE A 403 -8.15 -14.88 -1.43
CA PHE A 403 -9.02 -13.77 -1.14
C PHE A 403 -8.27 -12.44 -1.26
N HIS A 404 -9.00 -11.33 -1.35
CA HIS A 404 -8.40 -10.01 -1.38
C HIS A 404 -8.56 -9.33 -0.02
N PHE A 405 -7.60 -8.49 0.34
CA PHE A 405 -7.77 -7.65 1.51
C PHE A 405 -7.52 -6.18 1.19
N ILE A 406 -8.21 -5.31 1.91
CA ILE A 406 -8.04 -3.85 1.80
C ILE A 406 -7.88 -3.28 3.21
N ILE A 407 -6.70 -2.80 3.57
CA ILE A 407 -6.55 -2.12 4.88
C ILE A 407 -6.65 -0.61 4.65
N TYR A 408 -7.66 0.02 5.22
CA TYR A 408 -7.86 1.45 5.02
C TYR A 408 -8.05 2.14 6.36
N GLU A 409 -7.67 3.42 6.42
CA GLU A 409 -7.88 4.24 7.62
C GLU A 409 -9.17 5.01 7.40
N GLU A 410 -10.02 5.03 8.43
CA GLU A 410 -11.45 5.30 8.25
C GLU A 410 -11.82 6.77 8.07
N MET A 411 -11.16 7.67 8.80
CA MET A 411 -11.44 9.09 8.69
C MET A 411 -10.96 9.59 7.33
N SER A 412 -9.73 9.22 7.02
CA SER A 412 -9.11 9.60 5.76
C SER A 412 -9.73 8.89 4.56
N ARG A 413 -10.09 7.61 4.75
CA ARG A 413 -10.43 6.69 3.66
C ARG A 413 -9.22 6.42 2.76
N MET A 414 -8.02 6.68 3.29
CA MET A 414 -6.76 6.41 2.61
C MET A 414 -6.50 4.90 2.61
N LEU A 415 -5.93 4.39 1.53
CA LEU A 415 -5.76 2.94 1.32
C LEU A 415 -4.35 2.50 1.70
N LEU A 416 -4.21 1.95 2.90
CA LEU A 416 -2.89 1.62 3.45
C LEU A 416 -2.27 0.37 2.82
N PHE A 417 -3.11 -0.61 2.49
CA PHE A 417 -2.66 -1.81 1.80
C PHE A 417 -3.79 -2.38 0.95
N LEU A 418 -3.44 -2.73 -0.29
CA LEU A 418 -4.34 -3.41 -1.20
C LEU A 418 -3.65 -4.70 -1.57
N GLY A 419 -4.35 -5.82 -1.54
CA GLY A 419 -3.65 -7.06 -1.78
C GLY A 419 -4.49 -8.29 -2.00
N ARG A 420 -3.81 -9.30 -2.52
CA ARG A 420 -4.40 -10.57 -2.90
C ARG A 420 -3.57 -11.64 -2.19
N VAL A 421 -4.23 -12.54 -1.47
CA VAL A 421 -3.52 -13.58 -0.76
C VAL A 421 -3.89 -14.94 -1.32
N VAL A 422 -2.94 -15.59 -1.99
CA VAL A 422 -3.17 -16.87 -2.66
C VAL A 422 -2.52 -18.01 -1.89
N ASN A 423 -1.27 -17.84 -1.52
CA ASN A 423 -0.57 -18.81 -0.69
C ASN A 423 -0.06 -18.12 0.57
N PRO A 424 -0.84 -18.15 1.66
CA PRO A 424 -0.43 -17.55 2.93
C PRO A 424 0.95 -17.97 3.45
N THR A 425 1.58 -17.06 4.19
CA THR A 425 2.91 -17.24 4.76
C THR A 425 2.95 -16.66 6.18
#